data_7P9N
#
_entry.id   7P9N
#
_cell.length_a   67.345
_cell.length_b   131.346
_cell.length_c   66.253
_cell.angle_alpha   90.000
_cell.angle_beta   90.000
_cell.angle_gamma   90.000
#
_symmetry.space_group_name_H-M   'P 21 21 2'
#
loop_
_entity.id
_entity.type
_entity.pdbx_description
1 polymer "5'-nucleotidase"
2 non-polymer 'ZINC ION'
3 non-polymer 'CALCIUM ION'
4 non-polymer GLYCEROL
5 non-polymer 'ADENOSINE MONOPHOSPHATE'
6 water water
#
_entity_poly.entity_id   1
_entity_poly.type   'polypeptide(L)'
_entity_poly.pdbx_seq_one_letter_code
;MAHHHHHHVGTGSNDDDDKSPDPWELTILHTNDVHSRLEQTSEDSSKCVDASRCMGGVARLFTKVQQIRRAEPNVLLLDA
GDQYQGTIWFTVYKGAEVAHFMNALRYDAMALGNHEFDNGVEGLIEPLLKEAKFPILSANISASGPLASQISGLYLPYKV
LPVGDEVVGIVGYTSKETPFLSNPGTNLVFEDEITALQPEVDKLKTLNVNKIIALGHSGFEMDKLIAQKVRGVDVVVGGH
SNTFLYTGNPPSKEVPAGKYPFIVTSDDGRKVPVVQAYAFGKYLGYLKIEFDERGNVISSHGNPILLDSSIPEDPSIKAD
INKWRIKLDDYSTQELGKTIVYLDGSSQSCRFRECNMGNLICDAMINNNLRHADEMFWNHVSMCILNGGGIRSPIDERND
GTITWENLAAVLPFGGTFDLVQLKGSTLKKAFEHSVHRYGQSTGEFLQVGGIHVVYDLSRKPGDRVVKLDVLCTSCRVPS
YDPLKMDEVYKVILPNFLANGGDGFQMIKDELLRHDSGDQDINVVSTYISKMKVIYPAVEGRIKFS
;
_entity_poly.pdbx_strand_id   A
#
# COMPACT_ATOMS: atom_id res chain seq x y z
N PRO A 23 -24.57 -6.38 29.21
CA PRO A 23 -23.73 -5.60 28.29
C PRO A 23 -24.15 -5.89 26.84
N TRP A 24 -23.93 -4.96 25.92
CA TRP A 24 -24.25 -5.19 24.49
C TRP A 24 -22.90 -5.49 23.84
N GLU A 25 -22.78 -6.66 23.20
CA GLU A 25 -21.47 -7.10 22.69
C GLU A 25 -21.44 -6.95 21.16
N LEU A 26 -20.41 -6.31 20.67
CA LEU A 26 -20.21 -6.12 19.21
C LEU A 26 -18.94 -6.85 18.78
N THR A 27 -19.03 -7.62 17.68
CA THR A 27 -17.86 -8.24 17.05
C THR A 27 -17.50 -7.40 15.83
N ILE A 28 -16.33 -6.79 15.84
CA ILE A 28 -15.79 -6.05 14.68
C ILE A 28 -14.81 -6.97 13.95
N LEU A 29 -15.15 -7.31 12.72
CA LEU A 29 -14.26 -7.99 11.78
C LEU A 29 -13.70 -6.94 10.83
N HIS A 30 -12.40 -6.99 10.54
CA HIS A 30 -11.81 -5.87 9.79
C HIS A 30 -10.60 -6.31 8.98
N THR A 31 -10.54 -5.73 7.80
CA THR A 31 -9.43 -5.86 6.87
C THR A 31 -8.89 -4.47 6.53
N ASN A 32 -7.62 -4.44 6.10
CA ASN A 32 -7.00 -3.21 5.60
C ASN A 32 -5.86 -3.57 4.68
N ASP A 33 -5.61 -2.70 3.70
CA ASP A 33 -4.43 -2.83 2.79
C ASP A 33 -4.44 -4.23 2.14
N VAL A 34 -5.61 -4.70 1.72
CA VAL A 34 -5.76 -6.00 1.03
C VAL A 34 -4.98 -5.91 -0.28
N HIS A 35 -4.97 -4.78 -0.96
CA HIS A 35 -4.04 -4.54 -2.11
C HIS A 35 -4.18 -5.66 -3.14
N SER A 36 -5.41 -5.92 -3.54
CA SER A 36 -5.69 -6.69 -4.77
CA SER A 36 -5.73 -6.69 -4.77
C SER A 36 -5.33 -8.16 -4.58
N ARG A 37 -5.25 -8.63 -3.34
CA ARG A 37 -4.94 -10.04 -3.08
C ARG A 37 -6.27 -10.81 -3.15
N LEU A 38 -6.95 -10.79 -4.29
CA LEU A 38 -8.26 -11.49 -4.48
C LEU A 38 -8.02 -13.00 -4.34
N GLU A 39 -6.93 -13.50 -4.94
CA GLU A 39 -6.56 -14.91 -4.82
C GLU A 39 -5.73 -15.17 -3.56
N GLN A 40 -5.80 -16.43 -3.10
CA GLN A 40 -4.90 -16.90 -2.01
C GLN A 40 -3.45 -16.67 -2.48
N THR A 41 -2.60 -16.46 -1.51
CA THR A 41 -1.18 -16.09 -1.71
C THR A 41 -0.26 -17.08 -1.01
N SER A 42 1.04 -16.95 -1.31
CA SER A 42 2.07 -17.57 -0.47
C SER A 42 2.10 -16.94 0.93
N GLU A 43 2.90 -17.51 1.82
CA GLU A 43 3.09 -16.96 3.19
C GLU A 43 3.59 -15.50 3.15
N ASP A 44 4.36 -15.10 2.14
CA ASP A 44 4.93 -13.75 2.04
C ASP A 44 4.01 -12.88 1.18
N SER A 45 2.79 -13.36 0.85
CA SER A 45 1.75 -12.63 0.13
C SER A 45 2.08 -12.48 -1.34
N SER A 46 3.04 -13.24 -1.89
CA SER A 46 3.24 -13.23 -3.36
C SER A 46 2.43 -14.37 -3.97
N LYS A 47 2.71 -14.72 -5.19
CA LYS A 47 1.91 -15.74 -5.89
C LYS A 47 1.87 -17.04 -5.07
N CYS A 48 0.70 -17.64 -5.06
CA CYS A 48 0.47 -18.97 -4.48
C CYS A 48 1.09 -20.03 -5.42
N VAL A 49 2.03 -20.79 -4.89
CA VAL A 49 2.75 -21.86 -5.65
C VAL A 49 2.35 -23.20 -5.04
N ASP A 50 2.51 -23.35 -3.74
CA ASP A 50 2.13 -24.59 -3.07
C ASP A 50 0.75 -24.43 -2.42
N ALA A 51 -0.35 -24.77 -3.11
CA ALA A 51 -1.75 -24.47 -2.69
C ALA A 51 -1.98 -24.88 -1.23
N SER A 52 -1.48 -26.06 -0.86
CA SER A 52 -1.71 -26.68 0.47
C SER A 52 -1.14 -25.82 1.61
N ARG A 53 -0.24 -24.87 1.35
CA ARG A 53 0.39 -23.97 2.35
C ARG A 53 -0.08 -22.51 2.10
N CYS A 54 -1.00 -22.28 1.16
CA CYS A 54 -1.36 -20.88 0.74
C CYS A 54 -2.35 -20.29 1.74
N MET A 55 -2.52 -18.97 1.66
CA MET A 55 -3.22 -18.17 2.70
C MET A 55 -4.06 -17.08 2.08
N GLY A 56 -5.03 -16.60 2.86
CA GLY A 56 -5.83 -15.47 2.44
C GLY A 56 -6.64 -15.71 1.17
N GLY A 57 -6.90 -14.63 0.45
CA GLY A 57 -7.83 -14.59 -0.68
C GLY A 57 -9.25 -14.44 -0.21
N VAL A 58 -10.11 -13.93 -1.07
CA VAL A 58 -11.52 -13.58 -0.69
CA VAL A 58 -11.50 -13.58 -0.68
C VAL A 58 -12.35 -14.86 -0.50
N ALA A 59 -12.05 -15.96 -1.20
CA ALA A 59 -12.88 -17.17 -1.01
C ALA A 59 -12.69 -17.72 0.40
N ARG A 60 -11.48 -17.75 0.92
CA ARG A 60 -11.18 -18.17 2.31
C ARG A 60 -11.75 -17.16 3.31
N LEU A 61 -11.63 -15.87 3.03
CA LEU A 61 -12.18 -14.82 3.94
C LEU A 61 -13.68 -15.03 4.05
N PHE A 62 -14.36 -15.36 2.94
CA PHE A 62 -15.81 -15.59 2.95
C PHE A 62 -16.15 -16.73 3.92
N THR A 63 -15.44 -17.86 3.85
CA THR A 63 -15.68 -18.99 4.75
C THR A 63 -15.65 -18.51 6.19
N LYS A 64 -14.59 -17.81 6.57
CA LYS A 64 -14.38 -17.43 7.99
C LYS A 64 -15.42 -16.39 8.44
N VAL A 65 -15.73 -15.40 7.61
CA VAL A 65 -16.74 -14.39 7.98
C VAL A 65 -18.11 -15.05 8.13
N GLN A 66 -18.42 -15.99 7.25
CA GLN A 66 -19.70 -16.73 7.34
C GLN A 66 -19.76 -17.51 8.64
N GLN A 67 -18.67 -18.17 8.99
CA GLN A 67 -18.62 -18.95 10.26
CA GLN A 67 -18.65 -18.95 10.24
C GLN A 67 -18.87 -18.02 11.46
N ILE A 68 -18.25 -16.85 11.44
CA ILE A 68 -18.38 -15.93 12.59
C ILE A 68 -19.78 -15.37 12.66
N ARG A 69 -20.36 -15.02 11.54
CA ARG A 69 -21.73 -14.48 11.48
C ARG A 69 -22.77 -15.53 11.93
N ARG A 70 -22.48 -16.83 11.82
CA ARG A 70 -23.38 -17.87 12.36
C ARG A 70 -23.38 -17.77 13.89
N ALA A 71 -22.23 -17.49 14.46
CA ALA A 71 -21.99 -17.64 15.93
C ALA A 71 -22.31 -16.34 16.70
N GLU A 72 -22.07 -15.18 16.13
CA GLU A 72 -22.11 -13.90 16.90
C GLU A 72 -23.27 -13.07 16.42
N PRO A 73 -24.17 -12.62 17.31
CA PRO A 73 -25.32 -11.87 16.87
C PRO A 73 -25.07 -10.52 16.23
N ASN A 74 -24.11 -9.77 16.77
CA ASN A 74 -23.88 -8.35 16.40
C ASN A 74 -22.49 -8.25 15.75
N VAL A 75 -22.46 -8.20 14.43
CA VAL A 75 -21.19 -8.26 13.69
C VAL A 75 -21.19 -7.10 12.71
N LEU A 76 -20.05 -6.43 12.61
CA LEU A 76 -19.73 -5.48 11.54
C LEU A 76 -18.47 -5.99 10.86
N LEU A 77 -18.47 -5.95 9.54
CA LEU A 77 -17.31 -6.26 8.69
C LEU A 77 -16.90 -4.95 8.04
N LEU A 78 -15.69 -4.50 8.38
CA LEU A 78 -15.21 -3.18 7.98
C LEU A 78 -13.92 -3.31 7.19
N ASP A 79 -13.69 -2.40 6.26
CA ASP A 79 -12.41 -2.32 5.51
C ASP A 79 -11.85 -0.93 5.73
N ALA A 80 -10.59 -0.81 6.12
CA ALA A 80 -9.93 0.49 6.35
C ALA A 80 -9.12 1.00 5.16
N GLY A 81 -9.50 0.57 3.97
CA GLY A 81 -8.97 1.14 2.73
C GLY A 81 -7.82 0.38 2.10
N ASP A 82 -7.48 0.82 0.90
CA ASP A 82 -6.35 0.25 0.11
C ASP A 82 -6.71 -1.18 -0.28
N GLN A 83 -7.91 -1.37 -0.79
CA GLN A 83 -8.25 -2.54 -1.66
C GLN A 83 -7.59 -2.36 -3.03
N TYR A 84 -7.63 -1.14 -3.54
CA TYR A 84 -6.98 -0.86 -4.85
C TYR A 84 -5.46 -1.11 -4.76
N GLN A 85 -4.92 -1.55 -5.91
CA GLN A 85 -3.48 -1.59 -6.28
C GLN A 85 -2.81 -2.83 -5.69
N GLY A 86 -2.16 -3.68 -6.50
CA GLY A 86 -1.31 -4.74 -5.91
C GLY A 86 -1.06 -5.91 -6.80
N THR A 87 -2.00 -6.24 -7.68
CA THR A 87 -1.88 -7.40 -8.58
C THR A 87 -2.51 -7.06 -9.93
N ILE A 88 -2.31 -7.98 -10.87
CA ILE A 88 -2.95 -7.91 -12.21
C ILE A 88 -4.47 -7.78 -12.12
N TRP A 89 -5.09 -8.24 -11.02
CA TRP A 89 -6.55 -8.03 -10.85
C TRP A 89 -6.89 -6.57 -11.00
N PHE A 90 -6.20 -5.70 -10.28
CA PHE A 90 -6.44 -4.25 -10.34
C PHE A 90 -6.07 -3.67 -11.69
N THR A 91 -4.96 -4.12 -12.25
CA THR A 91 -4.54 -3.64 -13.60
C THR A 91 -5.66 -3.83 -14.60
N VAL A 92 -6.28 -5.00 -14.57
CA VAL A 92 -7.30 -5.36 -15.60
C VAL A 92 -8.69 -4.84 -15.21
N TYR A 93 -9.11 -5.05 -13.97
CA TYR A 93 -10.52 -4.80 -13.58
C TYR A 93 -10.69 -3.41 -12.95
N LYS A 94 -9.60 -2.79 -12.50
CA LYS A 94 -9.58 -1.34 -12.15
C LYS A 94 -10.59 -0.99 -11.07
N GLY A 95 -10.79 -1.89 -10.14
CA GLY A 95 -11.72 -1.63 -9.04
C GLY A 95 -13.05 -2.37 -9.18
N ALA A 96 -13.44 -2.81 -10.39
CA ALA A 96 -14.71 -3.57 -10.54
C ALA A 96 -14.65 -4.84 -9.69
N GLU A 97 -13.47 -5.43 -9.55
CA GLU A 97 -13.27 -6.65 -8.77
C GLU A 97 -13.48 -6.34 -7.29
N VAL A 98 -13.11 -5.11 -6.87
CA VAL A 98 -13.20 -4.72 -5.44
C VAL A 98 -14.69 -4.60 -5.12
N ALA A 99 -15.43 -3.86 -5.96
CA ALA A 99 -16.89 -3.71 -5.66
C ALA A 99 -17.53 -5.09 -5.67
N HIS A 100 -17.20 -5.90 -6.67
CA HIS A 100 -17.90 -7.18 -6.81
C HIS A 100 -17.63 -8.12 -5.65
N PHE A 101 -16.38 -8.30 -5.27
CA PHE A 101 -16.04 -9.28 -4.21
C PHE A 101 -16.28 -8.71 -2.81
N MET A 102 -16.15 -7.40 -2.64
CA MET A 102 -16.56 -6.84 -1.32
C MET A 102 -18.08 -6.90 -1.20
N ASN A 103 -18.84 -6.70 -2.28
CA ASN A 103 -20.31 -6.89 -2.21
C ASN A 103 -20.63 -8.33 -1.89
N ALA A 104 -19.92 -9.31 -2.47
CA ALA A 104 -20.22 -10.74 -2.20
C ALA A 104 -19.95 -11.07 -0.73
N LEU A 105 -18.96 -10.43 -0.11
CA LEU A 105 -18.62 -10.65 1.32
C LEU A 105 -19.57 -9.86 2.23
N ARG A 106 -20.39 -8.97 1.68
CA ARG A 106 -21.32 -8.15 2.44
C ARG A 106 -20.53 -7.35 3.49
N TYR A 107 -19.49 -6.64 3.06
CA TYR A 107 -18.91 -5.58 3.89
C TYR A 107 -19.99 -4.60 4.34
N ASP A 108 -19.85 -4.11 5.58
CA ASP A 108 -20.79 -3.09 6.14
C ASP A 108 -20.34 -1.65 5.84
N ALA A 109 -19.02 -1.41 5.70
CA ALA A 109 -18.49 -0.07 5.44
C ALA A 109 -17.03 -0.19 5.05
N MET A 110 -16.55 0.79 4.32
CA MET A 110 -15.13 0.92 3.92
C MET A 110 -14.72 2.36 4.06
N ALA A 111 -13.50 2.62 4.55
CA ALA A 111 -12.91 3.96 4.47
C ALA A 111 -12.06 4.02 3.20
N LEU A 112 -11.99 5.20 2.62
CA LEU A 112 -11.08 5.47 1.48
C LEU A 112 -9.64 5.46 1.96
N GLY A 113 -8.83 4.71 1.20
CA GLY A 113 -7.37 4.69 1.37
C GLY A 113 -6.68 5.58 0.33
N ASN A 114 -5.39 5.80 0.49
CA ASN A 114 -4.65 6.55 -0.53
C ASN A 114 -4.70 5.87 -1.91
N HIS A 115 -4.55 4.55 -1.96
CA HIS A 115 -4.49 3.91 -3.29
C HIS A 115 -5.86 3.87 -3.98
N GLU A 116 -6.97 4.17 -3.29
CA GLU A 116 -8.23 4.34 -4.00
C GLU A 116 -8.23 5.54 -4.95
N PHE A 117 -7.17 6.37 -4.89
CA PHE A 117 -7.00 7.51 -5.84
C PHE A 117 -6.01 7.20 -6.97
N ASP A 118 -5.55 5.98 -7.11
CA ASP A 118 -4.47 5.68 -8.07
C ASP A 118 -4.91 5.95 -9.50
N ASN A 119 -6.17 5.76 -9.81
CA ASN A 119 -6.73 6.04 -11.15
C ASN A 119 -7.50 7.35 -11.19
N GLY A 120 -7.15 8.28 -10.31
CA GLY A 120 -7.80 9.59 -10.26
C GLY A 120 -9.15 9.45 -9.62
N VAL A 121 -9.77 10.57 -9.44
CA VAL A 121 -11.15 10.60 -8.89
CA VAL A 121 -11.11 10.55 -8.84
C VAL A 121 -12.08 9.83 -9.81
N GLU A 122 -11.90 9.93 -11.14
CA GLU A 122 -12.81 9.24 -12.09
C GLU A 122 -12.72 7.72 -11.93
N GLY A 123 -11.52 7.23 -11.59
CA GLY A 123 -11.25 5.78 -11.40
C GLY A 123 -11.70 5.29 -10.02
N LEU A 124 -12.17 6.19 -9.18
CA LEU A 124 -12.76 5.83 -7.86
C LEU A 124 -14.27 5.88 -7.99
N ILE A 125 -14.76 6.99 -8.60
CA ILE A 125 -16.23 7.17 -8.76
C ILE A 125 -16.79 5.98 -9.52
N GLU A 126 -16.25 5.62 -10.69
N GLU A 126 -16.08 5.69 -10.60
CA GLU A 126 -17.04 4.78 -11.64
CA GLU A 126 -16.41 4.56 -11.45
C GLU A 126 -17.01 3.30 -11.20
C GLU A 126 -15.21 3.66 -11.62
N PRO A 127 -15.83 2.64 -10.95
N PRO A 127 -15.21 2.51 -10.90
CA PRO A 127 -15.89 1.24 -10.58
CA PRO A 127 -16.40 1.71 -10.67
C PRO A 127 -16.31 1.04 -9.14
C PRO A 127 -16.83 1.66 -9.19
N LEU A 128 -15.94 1.95 -8.24
CA LEU A 128 -16.13 1.61 -6.82
C LEU A 128 -17.30 2.35 -6.23
N LEU A 129 -17.29 3.69 -6.23
CA LEU A 129 -18.38 4.40 -5.48
C LEU A 129 -19.74 4.09 -6.09
N LYS A 130 -19.83 3.93 -7.38
CA LYS A 130 -21.17 3.72 -8.01
C LYS A 130 -21.59 2.27 -7.82
N GLU A 131 -20.71 1.34 -7.55
CA GLU A 131 -21.11 -0.08 -7.58
C GLU A 131 -21.08 -0.72 -6.18
N ALA A 132 -20.42 -0.16 -5.21
CA ALA A 132 -20.43 -0.70 -3.84
C ALA A 132 -21.83 -0.65 -3.26
N LYS A 133 -22.22 -1.73 -2.61
CA LYS A 133 -23.53 -1.80 -1.93
C LYS A 133 -23.41 -1.46 -0.46
N PHE A 134 -22.31 -0.90 -0.03
CA PHE A 134 -22.05 -0.46 1.34
C PHE A 134 -21.51 0.96 1.26
N PRO A 135 -21.63 1.69 2.37
CA PRO A 135 -21.11 3.05 2.41
C PRO A 135 -19.59 3.12 2.38
N ILE A 136 -19.08 4.11 1.69
CA ILE A 136 -17.65 4.38 1.56
C ILE A 136 -17.43 5.74 2.19
N LEU A 137 -16.49 5.79 3.13
CA LEU A 137 -16.41 6.87 4.12
C LEU A 137 -15.10 7.63 4.10
N SER A 138 -15.17 8.94 4.25
CA SER A 138 -14.01 9.77 4.60
C SER A 138 -14.53 11.15 4.99
N ALA A 139 -14.29 11.56 6.21
CA ALA A 139 -14.76 12.86 6.78
C ALA A 139 -13.81 14.00 6.46
N ASN A 140 -12.59 13.72 5.94
CA ASN A 140 -11.56 14.77 5.83
C ASN A 140 -11.20 15.01 4.36
N ILE A 141 -12.05 14.63 3.42
CA ILE A 141 -11.83 14.97 1.99
C ILE A 141 -12.95 15.89 1.54
N SER A 142 -12.59 17.05 1.02
CA SER A 142 -13.62 17.96 0.46
C SER A 142 -13.32 18.24 -1.00
N ALA A 143 -14.38 18.51 -1.78
CA ALA A 143 -14.27 18.79 -3.21
C ALA A 143 -14.74 20.23 -3.44
N SER A 144 -14.28 20.79 -4.54
CA SER A 144 -14.64 22.15 -5.00
C SER A 144 -15.00 22.05 -6.47
N GLY A 145 -15.66 23.10 -6.93
CA GLY A 145 -16.00 23.23 -8.36
C GLY A 145 -17.07 22.20 -8.75
N PRO A 146 -17.23 22.00 -10.07
CA PRO A 146 -18.12 20.96 -10.59
C PRO A 146 -17.88 19.57 -9.98
N LEU A 147 -16.64 19.23 -9.60
CA LEU A 147 -16.43 17.89 -8.94
C LEU A 147 -17.32 17.78 -7.71
N ALA A 148 -17.45 18.83 -6.91
CA ALA A 148 -18.24 18.73 -5.66
C ALA A 148 -19.65 18.23 -5.99
N SER A 149 -20.30 18.75 -7.01
CA SER A 149 -21.66 18.30 -7.39
C SER A 149 -21.63 16.90 -7.94
N GLN A 150 -20.59 16.56 -8.69
CA GLN A 150 -20.49 15.23 -9.33
C GLN A 150 -20.37 14.14 -8.26
N ILE A 151 -19.62 14.39 -7.18
CA ILE A 151 -19.25 13.33 -6.22
C ILE A 151 -20.15 13.41 -4.97
N SER A 152 -20.98 14.45 -4.82
CA SER A 152 -21.76 14.64 -3.57
C SER A 152 -22.53 13.39 -3.17
N GLY A 153 -22.23 12.90 -1.98
CA GLY A 153 -22.96 11.76 -1.39
C GLY A 153 -22.46 10.43 -1.87
N LEU A 154 -21.51 10.40 -2.81
CA LEU A 154 -20.97 9.10 -3.30
C LEU A 154 -19.94 8.54 -2.31
N TYR A 155 -19.34 9.38 -1.47
CA TYR A 155 -18.65 8.95 -0.23
C TYR A 155 -19.25 9.87 0.82
N LEU A 156 -19.16 9.46 2.07
CA LEU A 156 -19.81 10.17 3.20
C LEU A 156 -18.82 10.38 4.32
N PRO A 157 -19.05 11.38 5.18
CA PRO A 157 -18.19 11.56 6.33
C PRO A 157 -18.35 10.39 7.30
N TYR A 158 -19.57 9.91 7.47
CA TYR A 158 -19.92 8.83 8.40
C TYR A 158 -21.18 8.15 7.93
N LYS A 159 -21.43 6.97 8.46
CA LYS A 159 -22.76 6.31 8.32
C LYS A 159 -23.16 5.80 9.69
N VAL A 160 -24.42 5.99 10.05
CA VAL A 160 -25.02 5.33 11.22
C VAL A 160 -25.67 4.03 10.79
N LEU A 161 -25.18 2.90 11.31
CA LEU A 161 -25.70 1.60 10.87
C LEU A 161 -26.47 0.93 11.99
N PRO A 162 -27.61 0.30 11.67
CA PRO A 162 -28.30 -0.52 12.66
C PRO A 162 -27.56 -1.83 12.82
N VAL A 163 -27.45 -2.26 14.06
CA VAL A 163 -26.82 -3.52 14.49
C VAL A 163 -27.72 -4.11 15.57
N GLY A 164 -28.41 -5.20 15.24
CA GLY A 164 -29.46 -5.66 16.18
C GLY A 164 -30.43 -4.54 16.47
N ASP A 165 -30.76 -4.30 17.73
CA ASP A 165 -31.67 -3.18 18.11
C ASP A 165 -30.89 -1.92 18.44
N GLU A 166 -29.58 -1.85 18.12
CA GLU A 166 -28.82 -0.65 18.45
C GLU A 166 -28.38 0.00 17.13
N VAL A 167 -27.75 1.15 17.26
CA VAL A 167 -27.07 1.79 16.10
C VAL A 167 -25.62 2.01 16.51
N VAL A 168 -24.77 1.99 15.50
CA VAL A 168 -23.33 2.31 15.63
C VAL A 168 -22.98 3.34 14.56
N GLY A 169 -22.30 4.39 14.95
CA GLY A 169 -21.77 5.38 14.00
C GLY A 169 -20.36 5.02 13.57
N ILE A 170 -20.13 5.01 12.28
CA ILE A 170 -18.79 4.78 11.69
CA ILE A 170 -18.80 4.78 11.69
C ILE A 170 -18.37 6.06 10.98
N VAL A 171 -17.24 6.63 11.42
N VAL A 171 -17.29 6.68 11.43
CA VAL A 171 -16.70 7.91 10.92
CA VAL A 171 -16.79 7.91 10.79
C VAL A 171 -15.36 7.62 10.19
C VAL A 171 -15.44 7.57 10.17
N GLY A 172 -15.28 8.02 8.92
CA GLY A 172 -14.12 7.72 8.09
C GLY A 172 -13.05 8.79 8.11
N TYR A 173 -11.85 8.38 7.74
CA TYR A 173 -10.75 9.35 7.48
C TYR A 173 -9.73 8.76 6.54
N THR A 174 -8.98 9.62 5.87
CA THR A 174 -8.01 9.21 4.84
C THR A 174 -6.74 10.04 5.00
N SER A 175 -5.58 9.41 4.78
CA SER A 175 -4.27 10.06 4.95
C SER A 175 -4.24 11.46 4.35
N LYS A 176 -3.87 12.47 5.16
CA LYS A 176 -3.66 13.83 4.63
C LYS A 176 -2.55 13.83 3.58
N GLU A 177 -1.71 12.82 3.57
CA GLU A 177 -0.53 12.75 2.66
C GLU A 177 -0.94 12.20 1.29
N THR A 178 -2.20 11.81 1.09
CA THR A 178 -2.62 11.16 -0.16
C THR A 178 -2.13 11.93 -1.40
N PRO A 179 -2.09 13.25 -1.48
CA PRO A 179 -1.60 13.90 -2.71
C PRO A 179 -0.17 13.48 -3.09
N PHE A 180 0.63 13.04 -2.13
CA PHE A 180 2.03 12.64 -2.40
C PHE A 180 2.13 11.15 -2.69
N LEU A 181 1.05 10.40 -2.43
CA LEU A 181 1.05 8.91 -2.40
C LEU A 181 0.06 8.29 -3.39
N SER A 182 -0.56 9.09 -4.23
CA SER A 182 -1.59 8.67 -5.18
C SER A 182 -1.88 9.85 -6.12
N ASN A 183 -2.94 9.72 -6.88
CA ASN A 183 -3.27 10.69 -7.98
C ASN A 183 -4.66 11.27 -7.79
N PRO A 184 -4.92 11.91 -6.63
CA PRO A 184 -6.26 12.43 -6.39
C PRO A 184 -6.65 13.66 -7.21
N GLY A 185 -5.69 14.32 -7.86
CA GLY A 185 -6.04 15.52 -8.67
C GLY A 185 -5.95 16.80 -7.84
N THR A 186 -6.34 17.95 -8.41
CA THR A 186 -6.12 19.23 -7.69
C THR A 186 -7.43 19.82 -7.20
N ASN A 187 -8.53 19.14 -7.30
N ASN A 187 -8.55 19.08 -7.34
CA ASN A 187 -9.74 19.72 -6.68
CA ASN A 187 -9.95 19.48 -6.95
C ASN A 187 -9.77 19.30 -5.19
C ASN A 187 -10.44 18.79 -5.65
N LEU A 188 -9.58 18.01 -5.00
CA LEU A 188 -9.83 17.46 -3.66
C LEU A 188 -8.82 18.02 -2.69
N VAL A 189 -9.30 18.32 -1.48
CA VAL A 189 -8.45 18.77 -0.37
C VAL A 189 -8.54 17.75 0.76
N PHE A 190 -7.39 17.29 1.21
CA PHE A 190 -7.26 16.37 2.34
C PHE A 190 -6.94 17.20 3.57
N GLU A 191 -7.91 17.27 4.46
CA GLU A 191 -7.85 18.09 5.69
CA GLU A 191 -7.85 18.09 5.69
C GLU A 191 -7.15 17.29 6.79
N ASP A 192 -6.59 17.98 7.79
CA ASP A 192 -6.08 17.30 8.99
C ASP A 192 -7.20 16.38 9.57
N GLU A 193 -6.84 15.13 9.87
CA GLU A 193 -7.84 14.11 10.32
C GLU A 193 -8.58 14.58 11.57
N ILE A 194 -7.86 14.87 12.64
CA ILE A 194 -8.49 15.16 13.96
C ILE A 194 -9.39 16.39 13.81
N THR A 195 -8.94 17.39 13.07
CA THR A 195 -9.72 18.63 12.88
C THR A 195 -11.07 18.28 12.25
N ALA A 196 -11.05 17.49 11.19
CA ALA A 196 -12.29 17.09 10.50
C ALA A 196 -13.16 16.15 11.31
N LEU A 197 -12.55 15.17 12.02
CA LEU A 197 -13.33 14.11 12.72
C LEU A 197 -14.13 14.69 13.90
N GLN A 198 -13.53 15.61 14.66
CA GLN A 198 -14.13 15.99 15.95
C GLN A 198 -15.56 16.49 15.76
N PRO A 199 -15.83 17.47 14.85
CA PRO A 199 -17.19 18.01 14.76
C PRO A 199 -18.22 16.95 14.28
N GLU A 200 -17.75 15.95 13.51
CA GLU A 200 -18.66 14.89 13.05
C GLU A 200 -19.01 13.99 14.23
N VAL A 201 -18.04 13.62 15.06
CA VAL A 201 -18.26 12.80 16.29
C VAL A 201 -19.15 13.55 17.28
N ASP A 202 -18.91 14.83 17.50
CA ASP A 202 -19.82 15.62 18.39
C ASP A 202 -21.23 15.69 17.77
N LYS A 203 -21.34 15.81 16.45
CA LYS A 203 -22.67 15.84 15.80
C LYS A 203 -23.38 14.51 16.05
N LEU A 204 -22.70 13.36 15.92
CA LEU A 204 -23.37 12.06 16.14
C LEU A 204 -23.88 11.96 17.58
N LYS A 205 -23.12 12.45 18.56
N LYS A 205 -23.06 12.45 18.53
CA LYS A 205 -23.58 12.40 19.96
CA LYS A 205 -23.41 12.60 19.97
C LYS A 205 -24.84 13.26 20.13
C LYS A 205 -24.78 13.26 20.11
N THR A 206 -24.97 14.37 19.41
CA THR A 206 -26.22 15.19 19.50
C THR A 206 -27.40 14.44 18.86
N LEU A 207 -27.16 13.42 18.06
CA LEU A 207 -28.20 12.63 17.39
C LEU A 207 -28.46 11.30 18.12
N ASN A 208 -27.93 11.19 19.34
CA ASN A 208 -28.17 10.07 20.25
C ASN A 208 -27.48 8.80 19.71
N VAL A 209 -26.34 8.99 19.03
CA VAL A 209 -25.50 7.85 18.60
C VAL A 209 -24.36 7.82 19.60
N ASN A 210 -24.32 6.82 20.47
CA ASN A 210 -23.43 6.75 21.66
C ASN A 210 -22.33 5.71 21.46
N LYS A 211 -22.28 5.03 20.31
CA LYS A 211 -21.22 4.03 19.99
C LYS A 211 -20.61 4.45 18.68
N ILE A 212 -19.32 4.77 18.71
CA ILE A 212 -18.64 5.43 17.58
C ILE A 212 -17.34 4.68 17.26
N ILE A 213 -17.24 4.25 16.01
CA ILE A 213 -16.00 3.64 15.48
C ILE A 213 -15.40 4.62 14.53
N ALA A 214 -14.13 4.91 14.71
CA ALA A 214 -13.39 5.68 13.69
C ALA A 214 -12.67 4.67 12.79
N LEU A 215 -13.01 4.66 11.52
CA LEU A 215 -12.49 3.69 10.52
C LEU A 215 -11.71 4.49 9.50
N GLY A 216 -10.41 4.29 9.35
CA GLY A 216 -9.71 5.13 8.40
C GLY A 216 -8.30 4.74 8.13
N HIS A 217 -7.63 5.57 7.33
CA HIS A 217 -6.48 5.13 6.52
C HIS A 217 -5.36 6.16 6.54
N SER A 218 -4.73 6.29 7.70
CA SER A 218 -3.68 7.29 7.93
C SER A 218 -2.47 6.63 8.56
N GLY A 219 -2.52 5.40 9.02
CA GLY A 219 -1.36 4.76 9.64
C GLY A 219 -1.46 4.75 11.15
N PHE A 220 -0.82 3.74 11.74
CA PHE A 220 -0.88 3.46 13.18
C PHE A 220 -0.56 4.68 14.07
N GLU A 221 0.43 5.49 13.73
CA GLU A 221 0.76 6.64 14.59
C GLU A 221 -0.40 7.63 14.60
N MET A 222 -1.01 7.90 13.46
CA MET A 222 -2.14 8.85 13.46
C MET A 222 -3.33 8.16 14.13
N ASP A 223 -3.55 6.86 13.93
CA ASP A 223 -4.65 6.17 14.60
C ASP A 223 -4.55 6.39 16.13
N LYS A 224 -3.37 6.26 16.72
CA LYS A 224 -3.19 6.48 18.18
C LYS A 224 -3.53 7.94 18.53
N LEU A 225 -3.11 8.88 17.71
CA LEU A 225 -3.43 10.31 17.98
C LEU A 225 -4.96 10.50 17.95
N ILE A 226 -5.64 9.85 17.00
CA ILE A 226 -7.10 9.98 16.92
C ILE A 226 -7.76 9.40 18.18
N ALA A 227 -7.27 8.25 18.61
CA ALA A 227 -7.81 7.59 19.80
C ALA A 227 -7.63 8.48 21.05
N GLN A 228 -6.48 9.12 21.12
CA GLN A 228 -6.09 10.04 22.21
C GLN A 228 -6.96 11.29 22.19
N LYS A 229 -7.13 11.90 21.01
CA LYS A 229 -7.59 13.31 20.98
C LYS A 229 -9.01 13.50 20.49
N VAL A 230 -9.61 12.54 19.75
CA VAL A 230 -10.97 12.76 19.25
C VAL A 230 -11.94 12.26 20.28
N ARG A 231 -12.52 13.19 21.00
CA ARG A 231 -13.40 12.86 22.11
C ARG A 231 -14.63 12.13 21.56
N GLY A 232 -15.04 11.05 22.21
CA GLY A 232 -16.23 10.25 21.88
C GLY A 232 -15.94 9.08 20.96
N VAL A 233 -14.74 8.99 20.38
CA VAL A 233 -14.39 7.76 19.62
C VAL A 233 -14.21 6.60 20.60
N ASP A 234 -14.87 5.48 20.35
CA ASP A 234 -14.82 4.31 21.25
C ASP A 234 -13.77 3.30 20.80
N VAL A 235 -13.53 3.21 19.49
CA VAL A 235 -12.66 2.20 18.85
CA VAL A 235 -12.56 2.25 18.91
C VAL A 235 -12.04 2.86 17.62
N VAL A 236 -10.79 2.60 17.33
CA VAL A 236 -10.15 3.06 16.07
C VAL A 236 -9.73 1.81 15.26
N VAL A 237 -10.23 1.71 14.04
CA VAL A 237 -9.87 0.63 13.09
C VAL A 237 -9.11 1.26 11.96
N GLY A 238 -7.81 0.90 11.85
CA GLY A 238 -6.87 1.63 11.00
C GLY A 238 -6.23 0.78 9.93
N GLY A 239 -5.28 1.41 9.24
CA GLY A 239 -4.61 0.77 8.11
C GLY A 239 -3.40 1.58 7.66
N HIS A 240 -3.02 1.44 6.42
CA HIS A 240 -1.99 2.21 5.68
C HIS A 240 -0.56 1.75 5.98
N SER A 241 -0.25 1.62 7.28
CA SER A 241 1.10 1.22 7.78
C SER A 241 1.29 -0.29 7.83
N ASN A 242 0.33 -1.08 7.41
CA ASN A 242 0.45 -2.56 7.38
C ASN A 242 0.83 -3.08 8.75
N THR A 243 0.26 -2.51 9.78
CA THR A 243 0.64 -2.79 11.16
C THR A 243 0.06 -4.13 11.61
N PHE A 244 0.91 -4.99 12.13
CA PHE A 244 0.48 -6.25 12.73
C PHE A 244 0.54 -6.11 14.25
N LEU A 245 -0.60 -6.29 14.89
CA LEU A 245 -0.78 -6.27 16.34
C LEU A 245 -1.21 -7.67 16.75
N TYR A 246 -0.75 -8.13 17.91
CA TYR A 246 -1.12 -9.47 18.41
C TYR A 246 -0.94 -9.56 19.90
N THR A 247 -1.86 -10.28 20.53
CA THR A 247 -1.80 -10.62 21.98
C THR A 247 -1.46 -12.10 22.08
N GLY A 248 -0.20 -12.37 22.41
CA GLY A 248 0.25 -13.77 22.56
C GLY A 248 1.36 -14.12 21.65
N ASN A 249 1.61 -15.42 21.54
N ASN A 249 1.59 -15.45 21.47
CA ASN A 249 2.65 -15.91 20.61
CA ASN A 249 2.55 -15.92 20.45
C ASN A 249 2.06 -15.75 19.20
C ASN A 249 1.98 -15.73 19.08
N PRO A 250 2.72 -15.04 18.22
CA PRO A 250 2.22 -14.79 16.86
C PRO A 250 2.06 -16.08 16.07
N PRO A 251 1.08 -16.20 15.17
CA PRO A 251 0.79 -17.46 14.51
C PRO A 251 1.63 -17.73 13.25
N SER A 252 2.32 -16.70 12.71
CA SER A 252 3.06 -16.82 11.46
C SER A 252 4.37 -16.03 11.59
N LYS A 253 4.88 -15.47 10.48
CA LYS A 253 6.23 -14.86 10.43
C LYS A 253 6.12 -13.38 10.86
N GLU A 254 4.93 -12.73 10.82
CA GLU A 254 4.86 -11.27 11.09
C GLU A 254 5.14 -11.05 12.56
N VAL A 255 5.98 -10.05 12.86
CA VAL A 255 6.35 -9.75 14.25
C VAL A 255 5.48 -8.60 14.72
N PRO A 256 4.73 -8.77 15.81
CA PRO A 256 3.83 -7.71 16.27
C PRO A 256 4.52 -6.40 16.66
N ALA A 257 3.91 -5.28 16.31
CA ALA A 257 4.37 -3.94 16.73
C ALA A 257 3.83 -3.63 18.10
N GLY A 258 2.86 -4.39 18.65
CA GLY A 258 2.25 -4.19 19.94
C GLY A 258 1.10 -5.13 20.15
N LYS A 259 0.44 -5.04 21.29
CA LYS A 259 -0.71 -5.91 21.66
C LYS A 259 -1.91 -5.56 20.76
N TYR A 260 -2.77 -6.56 20.62
CA TYR A 260 -4.09 -6.43 19.95
C TYR A 260 -5.17 -6.55 21.01
N PRO A 261 -6.06 -5.57 21.21
CA PRO A 261 -5.93 -4.24 20.63
C PRO A 261 -4.80 -3.48 21.32
N PHE A 262 -4.37 -2.39 20.71
CA PHE A 262 -3.40 -1.44 21.30
C PHE A 262 -4.23 -0.44 22.05
N ILE A 263 -4.05 -0.35 23.37
CA ILE A 263 -4.88 0.54 24.22
C ILE A 263 -4.24 1.92 24.37
N VAL A 264 -4.99 2.91 23.89
CA VAL A 264 -4.67 4.34 24.08
C VAL A 264 -5.53 4.90 25.22
N THR A 265 -4.90 5.66 26.11
CA THR A 265 -5.67 6.41 27.13
C THR A 265 -5.99 7.80 26.56
N SER A 266 -7.26 8.03 26.46
CA SER A 266 -7.75 9.24 25.77
C SER A 266 -7.51 10.44 26.71
N ASP A 267 -7.54 11.62 26.12
CA ASP A 267 -7.47 12.84 26.95
C ASP A 267 -8.59 12.87 27.98
N ASP A 268 -9.77 12.34 27.71
CA ASP A 268 -10.83 12.33 28.76
C ASP A 268 -10.77 11.06 29.63
N GLY A 269 -9.69 10.30 29.63
CA GLY A 269 -9.54 9.23 30.62
C GLY A 269 -10.10 7.90 30.22
N ARG A 270 -10.59 7.72 28.99
CA ARG A 270 -11.14 6.43 28.52
C ARG A 270 -10.03 5.58 27.95
N LYS A 271 -10.26 4.28 27.96
CA LYS A 271 -9.34 3.31 27.33
C LYS A 271 -9.93 3.04 25.96
N VAL A 272 -9.18 3.36 24.93
CA VAL A 272 -9.68 3.31 23.54
C VAL A 272 -8.84 2.31 22.79
N PRO A 273 -9.43 1.18 22.39
CA PRO A 273 -8.70 0.19 21.58
C PRO A 273 -8.43 0.70 20.17
N VAL A 274 -7.23 0.43 19.70
CA VAL A 274 -6.74 0.70 18.33
C VAL A 274 -6.37 -0.65 17.72
N VAL A 275 -6.94 -0.93 16.56
CA VAL A 275 -6.63 -2.18 15.83
C VAL A 275 -6.24 -1.91 14.41
N GLN A 276 -5.51 -2.88 13.89
CA GLN A 276 -5.08 -2.98 12.47
C GLN A 276 -4.85 -4.47 12.22
N ALA A 277 -4.79 -4.88 10.97
CA ALA A 277 -4.68 -6.31 10.65
C ALA A 277 -3.72 -6.54 9.50
N TYR A 278 -2.48 -6.04 9.63
CA TYR A 278 -1.35 -6.30 8.70
C TYR A 278 -1.80 -5.84 7.31
N ALA A 279 -1.79 -6.67 6.32
CA ALA A 279 -2.09 -6.33 4.92
C ALA A 279 -2.34 -7.60 4.11
N PHE A 280 -2.71 -7.41 2.85
CA PHE A 280 -2.68 -8.48 1.81
C PHE A 280 -3.71 -9.57 2.07
N GLY A 281 -4.68 -9.35 2.95
CA GLY A 281 -5.73 -10.33 3.23
C GLY A 281 -5.24 -11.60 3.89
N LYS A 282 -4.08 -11.56 4.52
CA LYS A 282 -3.51 -12.72 5.23
C LYS A 282 -4.27 -13.00 6.51
N TYR A 283 -4.72 -11.97 7.19
CA TYR A 283 -5.43 -12.04 8.46
C TYR A 283 -6.80 -11.36 8.39
N LEU A 284 -7.73 -11.88 9.16
CA LEU A 284 -8.99 -11.20 9.47
C LEU A 284 -8.93 -10.60 10.88
N GLY A 285 -8.97 -9.29 11.03
CA GLY A 285 -9.05 -8.67 12.36
C GLY A 285 -10.33 -9.11 13.03
N TYR A 286 -10.30 -9.30 14.32
CA TYR A 286 -11.45 -9.77 15.10
C TYR A 286 -11.33 -9.15 16.48
N LEU A 287 -12.20 -8.20 16.78
CA LEU A 287 -12.24 -7.51 18.10
C LEU A 287 -13.64 -7.59 18.68
N LYS A 288 -13.73 -8.07 19.90
CA LYS A 288 -15.01 -8.09 20.61
C LYS A 288 -15.06 -6.94 21.60
N ILE A 289 -16.09 -6.15 21.51
CA ILE A 289 -16.29 -4.96 22.39
CA ILE A 289 -16.23 -5.00 22.44
C ILE A 289 -17.54 -5.17 23.23
N GLU A 290 -17.43 -4.96 24.53
CA GLU A 290 -18.66 -4.90 25.34
C GLU A 290 -18.91 -3.43 25.72
N PHE A 291 -20.12 -3.02 25.44
CA PHE A 291 -20.65 -1.67 25.70
C PHE A 291 -21.68 -1.74 26.84
N ASP A 292 -21.67 -0.68 27.66
CA ASP A 292 -22.80 -0.46 28.59
C ASP A 292 -23.92 0.30 27.87
N GLU A 293 -25.01 0.58 28.60
CA GLU A 293 -26.25 1.21 28.06
C GLU A 293 -25.99 2.61 27.51
N ARG A 294 -24.93 3.29 27.92
CA ARG A 294 -24.59 4.67 27.55
C ARG A 294 -23.52 4.64 26.44
N GLY A 295 -23.19 3.44 25.93
CA GLY A 295 -22.17 3.34 24.87
C GLY A 295 -20.76 3.47 25.39
N ASN A 296 -20.49 3.30 26.68
CA ASN A 296 -19.10 3.25 27.21
C ASN A 296 -18.55 1.85 26.98
N VAL A 297 -17.31 1.76 26.51
CA VAL A 297 -16.63 0.45 26.37
C VAL A 297 -16.31 -0.08 27.79
N ILE A 298 -16.83 -1.25 28.11
CA ILE A 298 -16.54 -2.01 29.35
C ILE A 298 -15.30 -2.85 29.16
N SER A 299 -15.13 -3.48 27.98
CA SER A 299 -14.02 -4.39 27.73
C SER A 299 -13.81 -4.48 26.24
N SER A 300 -12.61 -4.88 25.87
CA SER A 300 -12.30 -5.16 24.46
C SER A 300 -11.24 -6.26 24.42
N HIS A 301 -11.41 -7.24 23.56
CA HIS A 301 -10.36 -8.27 23.44
C HIS A 301 -10.47 -8.86 22.03
N GLY A 302 -9.41 -9.53 21.63
CA GLY A 302 -9.46 -10.28 20.37
C GLY A 302 -8.10 -10.54 19.81
N ASN A 303 -8.04 -10.78 18.53
CA ASN A 303 -6.77 -11.05 17.83
C ASN A 303 -7.09 -11.21 16.35
N PRO A 304 -6.15 -10.85 15.48
CA PRO A 304 -6.34 -11.20 14.07
C PRO A 304 -6.31 -12.74 13.95
N ILE A 305 -7.08 -13.26 12.98
CA ILE A 305 -7.15 -14.69 12.66
C ILE A 305 -6.33 -14.91 11.39
N LEU A 306 -5.30 -15.74 11.43
CA LEU A 306 -4.50 -16.14 10.27
C LEU A 306 -5.37 -16.97 9.32
N LEU A 307 -5.51 -16.49 8.10
CA LEU A 307 -6.37 -17.20 7.12
C LEU A 307 -5.52 -18.26 6.40
N ASP A 308 -5.22 -19.32 7.12
CA ASP A 308 -4.31 -20.35 6.57
C ASP A 308 -5.15 -21.44 5.89
N SER A 309 -4.43 -22.48 5.41
CA SER A 309 -5.07 -23.51 4.57
CA SER A 309 -5.06 -23.53 4.58
C SER A 309 -5.98 -24.40 5.41
N SER A 310 -6.00 -24.29 6.77
CA SER A 310 -6.92 -25.09 7.58
C SER A 310 -8.33 -24.57 7.37
N ILE A 311 -8.46 -23.36 6.78
CA ILE A 311 -9.81 -22.81 6.50
C ILE A 311 -10.10 -23.03 5.03
N PRO A 312 -11.17 -23.73 4.66
CA PRO A 312 -11.41 -23.98 3.25
C PRO A 312 -11.83 -22.73 2.48
N GLU A 313 -11.37 -22.61 1.23
CA GLU A 313 -11.91 -21.60 0.29
C GLU A 313 -13.38 -21.90 0.03
N ASP A 314 -14.25 -20.89 0.13
CA ASP A 314 -15.67 -21.11 -0.22
C ASP A 314 -15.77 -21.57 -1.67
N PRO A 315 -16.41 -22.73 -1.98
CA PRO A 315 -16.41 -23.16 -3.37
C PRO A 315 -17.06 -22.21 -4.38
N SER A 316 -18.13 -21.53 -4.00
CA SER A 316 -18.85 -20.58 -4.87
CA SER A 316 -18.81 -20.62 -4.94
C SER A 316 -17.97 -19.38 -5.19
N ILE A 317 -17.42 -18.79 -4.13
CA ILE A 317 -16.57 -17.60 -4.38
C ILE A 317 -15.36 -18.05 -5.22
N LYS A 318 -14.78 -19.22 -4.93
CA LYS A 318 -13.60 -19.70 -5.65
C LYS A 318 -13.94 -19.85 -7.12
N ALA A 319 -15.08 -20.43 -7.42
CA ALA A 319 -15.48 -20.66 -8.81
C ALA A 319 -15.68 -19.32 -9.51
N ASP A 320 -16.20 -18.30 -8.83
CA ASP A 320 -16.35 -16.97 -9.43
C ASP A 320 -14.96 -16.35 -9.66
N ILE A 321 -14.06 -16.50 -8.71
CA ILE A 321 -12.66 -16.02 -8.87
C ILE A 321 -12.07 -16.68 -10.11
N ASN A 322 -12.24 -18.00 -10.25
CA ASN A 322 -11.67 -18.72 -11.42
C ASN A 322 -12.27 -18.22 -12.73
N LYS A 323 -13.54 -17.83 -12.76
CA LYS A 323 -14.18 -17.25 -13.96
C LYS A 323 -13.53 -15.91 -14.26
N TRP A 324 -13.40 -15.04 -13.26
CA TRP A 324 -12.81 -13.71 -13.48
C TRP A 324 -11.34 -13.86 -13.91
N ARG A 325 -10.68 -14.93 -13.51
CA ARG A 325 -9.24 -15.10 -13.86
C ARG A 325 -9.06 -15.21 -15.38
N ILE A 326 -10.05 -15.66 -16.13
CA ILE A 326 -9.83 -15.89 -17.60
C ILE A 326 -9.31 -14.63 -18.29
N LYS A 327 -9.95 -13.48 -18.06
CA LYS A 327 -9.54 -12.22 -18.69
C LYS A 327 -8.13 -11.84 -18.22
N LEU A 328 -7.75 -12.17 -16.98
CA LEU A 328 -6.35 -11.86 -16.53
C LEU A 328 -5.37 -12.69 -17.36
N ASP A 329 -5.66 -13.97 -17.55
CA ASP A 329 -4.74 -14.88 -18.26
C ASP A 329 -4.67 -14.33 -19.69
N ASP A 330 -5.79 -13.90 -20.27
CA ASP A 330 -5.80 -13.35 -21.67
C ASP A 330 -4.91 -12.10 -21.69
N TYR A 331 -5.04 -11.21 -20.72
CA TYR A 331 -4.33 -9.92 -20.71
C TYR A 331 -2.82 -10.17 -20.62
N SER A 332 -2.46 -11.17 -19.85
CA SER A 332 -1.04 -11.46 -19.48
CA SER A 332 -1.03 -11.43 -19.48
C SER A 332 -0.16 -11.68 -20.71
N THR A 333 -0.74 -12.08 -21.86
CA THR A 333 0.10 -12.35 -23.07
C THR A 333 -0.16 -11.30 -24.13
N GLN A 334 -0.86 -10.20 -23.83
CA GLN A 334 -1.10 -9.12 -24.82
C GLN A 334 0.13 -8.22 -24.90
N GLU A 335 0.39 -7.67 -26.06
CA GLU A 335 1.49 -6.71 -26.21
C GLU A 335 1.17 -5.42 -25.42
N LEU A 336 2.04 -5.00 -24.50
CA LEU A 336 1.92 -3.72 -23.76
C LEU A 336 2.59 -2.60 -24.57
N GLY A 337 3.66 -2.93 -25.26
CA GLY A 337 4.49 -1.96 -25.94
C GLY A 337 5.63 -2.69 -26.59
N LYS A 338 6.57 -1.95 -27.13
CA LYS A 338 7.73 -2.53 -27.82
C LYS A 338 9.02 -1.98 -27.27
N THR A 339 10.04 -2.81 -27.35
CA THR A 339 11.45 -2.38 -27.19
C THR A 339 12.18 -2.61 -28.51
N ILE A 340 13.01 -1.66 -28.87
CA ILE A 340 13.95 -1.84 -29.99
C ILE A 340 15.36 -2.19 -29.53
N VAL A 341 15.56 -2.33 -28.22
CA VAL A 341 16.87 -2.67 -27.63
C VAL A 341 16.69 -3.95 -26.82
N TYR A 342 17.75 -4.72 -26.75
CA TYR A 342 17.78 -5.84 -25.77
C TYR A 342 17.62 -5.21 -24.38
N LEU A 343 16.74 -5.76 -23.54
CA LEU A 343 16.60 -5.30 -22.15
C LEU A 343 17.44 -6.23 -21.25
N ASP A 344 18.61 -5.77 -20.93
CA ASP A 344 19.66 -6.56 -20.25
C ASP A 344 19.38 -6.57 -18.74
N GLY A 345 18.62 -7.59 -18.34
CA GLY A 345 18.34 -7.93 -16.94
C GLY A 345 19.16 -9.12 -16.50
N SER A 346 20.31 -9.39 -17.10
CA SER A 346 21.18 -10.51 -16.71
C SER A 346 21.83 -10.21 -15.35
N SER A 347 22.15 -11.23 -14.57
CA SER A 347 22.92 -10.98 -13.31
C SER A 347 24.33 -10.49 -13.65
N GLN A 348 24.94 -11.01 -14.73
CA GLN A 348 26.30 -10.67 -15.07
C GLN A 348 26.43 -9.17 -15.37
N SER A 349 25.37 -8.55 -15.83
CA SER A 349 25.34 -7.08 -15.96
C SER A 349 24.83 -6.44 -14.65
N CYS A 350 23.62 -6.75 -14.25
CA CYS A 350 22.90 -5.93 -13.25
C CYS A 350 23.48 -6.08 -11.84
N ARG A 351 24.33 -7.08 -11.57
CA ARG A 351 25.02 -7.20 -10.27
C ARG A 351 26.43 -6.69 -10.33
N PHE A 352 26.89 -6.11 -11.45
CA PHE A 352 28.29 -5.68 -11.63
C PHE A 352 28.41 -4.26 -12.14
N ARG A 353 27.43 -3.75 -12.84
CA ARG A 353 27.56 -2.44 -13.50
C ARG A 353 26.19 -1.92 -13.82
N GLU A 354 26.12 -0.67 -14.27
CA GLU A 354 24.86 -0.12 -14.82
C GLU A 354 24.30 -1.07 -15.90
N CYS A 355 23.04 -1.46 -15.80
CA CYS A 355 22.36 -2.30 -16.81
C CYS A 355 21.15 -1.56 -17.30
N ASN A 356 20.84 -1.71 -18.59
CA ASN A 356 19.75 -0.89 -19.12
C ASN A 356 18.37 -1.33 -18.61
N MET A 357 18.22 -2.58 -18.15
CA MET A 357 16.94 -2.98 -17.54
C MET A 357 16.75 -2.19 -16.23
N GLY A 358 17.82 -2.10 -15.47
CA GLY A 358 17.82 -1.30 -14.24
C GLY A 358 17.42 0.13 -14.46
N ASN A 359 17.97 0.74 -15.48
CA ASN A 359 17.64 2.15 -15.82
C ASN A 359 16.16 2.24 -16.21
N LEU A 360 15.65 1.33 -16.98
CA LEU A 360 14.23 1.30 -17.39
C LEU A 360 13.36 1.23 -16.17
N ILE A 361 13.68 0.32 -15.24
CA ILE A 361 12.79 0.12 -14.07
C ILE A 361 12.84 1.38 -13.23
N CYS A 362 14.00 1.94 -12.96
CA CYS A 362 14.06 3.17 -12.16
C CYS A 362 13.41 4.36 -12.88
N ASP A 363 13.48 4.48 -14.20
CA ASP A 363 12.75 5.54 -14.91
C ASP A 363 11.24 5.33 -14.75
N ALA A 364 10.79 4.09 -14.73
CA ALA A 364 9.35 3.81 -14.58
C ALA A 364 8.96 4.17 -13.15
N MET A 365 9.84 3.88 -12.19
CA MET A 365 9.56 4.20 -10.77
C MET A 365 9.43 5.70 -10.62
N ILE A 366 10.31 6.48 -11.20
CA ILE A 366 10.17 7.97 -11.06
CA ILE A 366 10.21 7.97 -11.11
C ILE A 366 8.93 8.43 -11.80
N ASN A 367 8.64 7.95 -12.99
CA ASN A 367 7.43 8.34 -13.75
C ASN A 367 6.17 8.05 -12.93
N ASN A 368 6.13 6.92 -12.23
CA ASN A 368 4.96 6.48 -11.42
C ASN A 368 4.75 7.50 -10.28
N ASN A 369 5.80 8.18 -9.85
CA ASN A 369 5.75 9.05 -8.65
C ASN A 369 5.71 10.54 -9.04
N LEU A 370 5.29 10.86 -10.25
CA LEU A 370 4.98 12.24 -10.67
C LEU A 370 3.66 12.60 -10.03
N ARG A 371 3.68 13.54 -9.11
CA ARG A 371 2.45 13.97 -8.41
C ARG A 371 2.32 15.48 -8.55
N HIS A 372 1.20 16.04 -8.17
CA HIS A 372 1.00 17.50 -8.29
C HIS A 372 2.01 18.24 -7.40
N ALA A 373 2.60 19.25 -8.00
CA ALA A 373 3.71 20.00 -7.37
C ALA A 373 3.33 21.48 -7.28
N ASP A 374 3.64 22.05 -6.10
CA ASP A 374 3.93 23.48 -5.83
C ASP A 374 4.71 24.15 -6.95
N GLU A 375 4.88 25.44 -6.75
CA GLU A 375 5.93 26.24 -7.38
C GLU A 375 7.26 25.91 -6.69
N MET A 376 7.29 25.06 -5.67
CA MET A 376 8.50 24.81 -4.84
C MET A 376 9.28 23.60 -5.37
N PHE A 377 8.74 22.80 -6.24
CA PHE A 377 9.52 21.66 -6.78
C PHE A 377 8.96 21.29 -8.15
N TRP A 378 9.78 20.77 -9.07
CA TRP A 378 9.24 20.29 -10.36
C TRP A 378 8.48 18.97 -10.12
N ASN A 379 9.00 18.16 -9.20
CA ASN A 379 8.34 16.95 -8.65
C ASN A 379 8.89 16.70 -7.27
N HIS A 380 8.08 16.11 -6.38
CA HIS A 380 8.52 15.93 -4.99
C HIS A 380 9.62 14.89 -4.85
N VAL A 381 9.79 14.00 -5.84
CA VAL A 381 10.84 12.99 -5.76
C VAL A 381 11.50 12.89 -7.13
N SER A 382 12.80 12.69 -7.10
CA SER A 382 13.65 12.59 -8.31
C SER A 382 14.53 11.36 -8.35
N MET A 383 14.61 10.59 -7.29
CA MET A 383 15.68 9.61 -7.05
C MET A 383 15.14 8.21 -6.83
N CYS A 384 15.93 7.24 -7.32
CA CYS A 384 15.53 5.81 -7.36
C CYS A 384 16.75 4.94 -7.09
N ILE A 385 16.62 3.95 -6.23
CA ILE A 385 17.56 2.82 -6.12
C ILE A 385 16.81 1.50 -6.19
N LEU A 386 17.51 0.49 -6.72
CA LEU A 386 16.90 -0.82 -7.05
C LEU A 386 17.98 -1.87 -6.92
N ASN A 387 17.79 -2.84 -6.04
CA ASN A 387 18.76 -3.93 -5.91
C ASN A 387 18.84 -4.71 -7.22
N GLY A 388 20.04 -4.85 -7.77
CA GLY A 388 20.23 -5.61 -9.00
C GLY A 388 19.82 -7.06 -8.91
N GLY A 389 19.98 -7.69 -7.75
CA GLY A 389 19.43 -9.04 -7.55
C GLY A 389 17.92 -9.14 -7.65
N GLY A 390 17.19 -8.02 -7.64
CA GLY A 390 15.74 -8.01 -7.80
C GLY A 390 15.29 -8.02 -9.23
N ILE A 391 16.25 -7.94 -10.15
CA ILE A 391 15.97 -8.01 -11.60
C ILE A 391 16.27 -9.44 -12.05
N ARG A 392 15.26 -10.19 -12.50
CA ARG A 392 15.41 -11.66 -12.54
C ARG A 392 15.45 -12.23 -13.95
N SER A 393 15.33 -11.41 -14.99
CA SER A 393 15.36 -11.88 -16.39
C SER A 393 15.70 -10.71 -17.27
N PRO A 394 16.37 -10.97 -18.40
CA PRO A 394 16.31 -10.03 -19.53
C PRO A 394 14.98 -10.21 -20.26
N ILE A 395 14.78 -9.29 -21.21
CA ILE A 395 13.74 -9.40 -22.26
C ILE A 395 14.41 -9.20 -23.61
N ASP A 396 14.34 -10.25 -24.43
CA ASP A 396 14.76 -10.22 -25.85
C ASP A 396 13.82 -9.36 -26.70
N GLU A 397 14.43 -8.53 -27.55
CA GLU A 397 13.72 -7.60 -28.45
C GLU A 397 13.38 -8.31 -29.76
N ARG A 398 13.81 -9.55 -29.97
CA ARG A 398 13.65 -10.18 -31.31
C ARG A 398 12.27 -10.85 -31.47
N ASN A 399 11.29 -10.69 -30.56
CA ASN A 399 9.89 -11.15 -30.74
C ASN A 399 9.06 -9.98 -31.30
N ASP A 400 9.51 -9.42 -32.42
CA ASP A 400 8.90 -8.24 -33.08
C ASP A 400 8.94 -7.07 -32.08
N GLY A 401 9.85 -7.12 -31.11
CA GLY A 401 9.92 -6.05 -30.09
C GLY A 401 8.87 -6.16 -28.99
N THR A 402 7.94 -7.09 -29.07
CA THR A 402 6.84 -7.17 -28.08
C THR A 402 7.32 -7.34 -26.65
N ILE A 403 6.65 -6.67 -25.75
CA ILE A 403 6.77 -6.89 -24.28
C ILE A 403 5.36 -7.17 -23.77
N THR A 404 5.22 -8.26 -23.05
CA THR A 404 3.97 -8.62 -22.37
C THR A 404 4.11 -8.53 -20.87
N TRP A 405 2.96 -8.57 -20.19
CA TRP A 405 2.95 -8.64 -18.71
C TRP A 405 3.72 -9.88 -18.26
N GLU A 406 3.53 -11.01 -18.93
CA GLU A 406 4.20 -12.27 -18.60
C GLU A 406 5.72 -12.09 -18.64
N ASN A 407 6.20 -11.38 -19.64
CA ASN A 407 7.64 -11.08 -19.73
C ASN A 407 8.08 -10.23 -18.52
N LEU A 408 7.29 -9.22 -18.16
CA LEU A 408 7.66 -8.37 -16.98
C LEU A 408 7.60 -9.19 -15.69
N ALA A 409 6.64 -10.10 -15.58
CA ALA A 409 6.56 -10.94 -14.36
C ALA A 409 7.76 -11.85 -14.23
N ALA A 410 8.45 -12.22 -15.32
CA ALA A 410 9.72 -12.95 -15.19
C ALA A 410 10.81 -12.04 -14.64
N VAL A 411 10.80 -10.76 -15.04
CA VAL A 411 11.83 -9.82 -14.55
C VAL A 411 11.59 -9.53 -13.08
N LEU A 412 10.33 -9.43 -12.68
CA LEU A 412 9.91 -8.92 -11.36
C LEU A 412 8.93 -9.92 -10.79
N PRO A 413 9.43 -11.04 -10.23
CA PRO A 413 8.59 -12.16 -9.85
C PRO A 413 8.18 -12.18 -8.38
N PHE A 414 8.56 -11.21 -7.56
CA PHE A 414 8.53 -11.35 -6.09
C PHE A 414 7.27 -10.73 -5.48
N GLY A 415 6.46 -10.05 -6.26
CA GLY A 415 5.22 -9.40 -5.81
C GLY A 415 5.50 -8.22 -4.90
N GLY A 416 6.54 -7.49 -5.15
CA GLY A 416 6.87 -6.33 -4.32
C GLY A 416 6.21 -5.06 -4.81
N THR A 417 6.53 -4.02 -4.07
CA THR A 417 6.04 -2.66 -4.36
C THR A 417 7.26 -1.73 -4.50
N PHE A 418 7.02 -0.63 -5.20
CA PHE A 418 8.04 0.45 -5.28
C PHE A 418 7.59 1.57 -4.37
N ASP A 419 8.27 1.65 -3.23
CA ASP A 419 7.86 2.51 -2.11
C ASP A 419 8.57 3.85 -2.13
N LEU A 420 8.03 4.78 -1.34
CA LEU A 420 8.59 6.13 -1.11
C LEU A 420 9.17 6.22 0.32
N VAL A 421 10.44 6.51 0.42
CA VAL A 421 11.06 6.72 1.75
C VAL A 421 11.73 8.09 1.77
N GLN A 422 11.98 8.54 3.00
CA GLN A 422 12.86 9.71 3.20
C GLN A 422 14.14 9.23 3.91
N LEU A 423 15.31 9.53 3.34
CA LEU A 423 16.63 9.09 3.82
C LEU A 423 17.55 10.30 3.92
N LYS A 424 18.25 10.43 5.05
CA LYS A 424 19.35 11.39 5.09
C LYS A 424 20.40 11.01 4.04
N GLY A 425 21.09 12.02 3.50
CA GLY A 425 22.24 11.78 2.62
C GLY A 425 23.23 10.78 3.21
N SER A 426 23.57 10.94 4.47
CA SER A 426 24.50 10.02 5.16
C SER A 426 24.00 8.58 5.02
N THR A 427 22.71 8.32 5.20
CA THR A 427 22.12 6.97 5.08
C THR A 427 22.33 6.47 3.65
N LEU A 428 22.04 7.32 2.70
CA LEU A 428 22.11 6.86 1.28
CA LEU A 428 22.15 6.97 1.26
C LEU A 428 23.60 6.65 0.93
N LYS A 429 24.54 7.44 1.44
CA LYS A 429 25.97 7.19 1.16
C LYS A 429 26.32 5.82 1.76
N LYS A 430 25.84 5.51 2.95
CA LYS A 430 26.08 4.16 3.54
C LYS A 430 25.48 3.06 2.67
N ALA A 431 24.33 3.26 2.08
CA ALA A 431 23.70 2.26 1.21
C ALA A 431 24.57 2.07 -0.04
N PHE A 432 25.14 3.14 -0.63
CA PHE A 432 26.00 2.96 -1.81
C PHE A 432 27.29 2.28 -1.43
N GLU A 433 27.82 2.51 -0.22
CA GLU A 433 29.01 1.76 0.23
C GLU A 433 28.63 0.28 0.34
N HIS A 434 27.48 -0.01 0.91
CA HIS A 434 27.02 -1.42 1.10
C HIS A 434 26.85 -2.10 -0.27
N SER A 435 26.41 -1.34 -1.28
CA SER A 435 26.21 -1.78 -2.68
C SER A 435 27.47 -2.46 -3.22
N VAL A 436 28.68 -2.04 -2.81
CA VAL A 436 29.97 -2.57 -3.37
C VAL A 436 30.88 -3.12 -2.28
N HIS A 437 30.36 -3.34 -1.07
CA HIS A 437 31.28 -3.65 0.07
C HIS A 437 32.02 -4.94 -0.23
N ARG A 438 31.41 -5.87 -0.95
CA ARG A 438 32.03 -7.18 -1.28
C ARG A 438 31.96 -7.41 -2.77
N TYR A 439 32.13 -6.35 -3.57
CA TYR A 439 32.01 -6.40 -5.02
C TYR A 439 32.81 -7.57 -5.61
N GLY A 440 32.19 -8.19 -6.59
CA GLY A 440 32.80 -9.19 -7.48
C GLY A 440 32.27 -10.58 -7.27
N GLN A 441 31.26 -10.78 -6.42
CA GLN A 441 30.68 -12.10 -6.07
C GLN A 441 29.30 -12.31 -6.68
N SER A 442 28.82 -11.40 -7.50
CA SER A 442 27.48 -11.57 -8.10
C SER A 442 26.45 -11.62 -6.99
N THR A 443 26.54 -10.65 -6.06
CA THR A 443 25.58 -10.55 -4.96
C THR A 443 24.50 -9.52 -5.27
N GLY A 444 23.35 -9.66 -4.66
CA GLY A 444 22.13 -8.91 -5.12
C GLY A 444 22.14 -7.43 -4.73
N GLU A 445 22.94 -7.01 -3.74
CA GLU A 445 22.80 -5.66 -3.16
C GLU A 445 23.34 -4.57 -4.09
N PHE A 446 24.03 -4.89 -5.20
CA PHE A 446 24.55 -3.87 -6.12
C PHE A 446 23.37 -3.07 -6.68
N LEU A 447 23.42 -1.73 -6.57
CA LEU A 447 22.26 -0.88 -6.84
C LEU A 447 22.25 -0.31 -8.26
N GLN A 448 21.12 -0.53 -8.91
CA GLN A 448 20.73 0.24 -10.10
C GLN A 448 20.01 1.53 -9.67
N VAL A 449 20.08 2.56 -10.50
CA VAL A 449 19.72 3.92 -10.02
C VAL A 449 18.97 4.74 -11.06
N GLY A 450 18.29 5.76 -10.56
CA GLY A 450 17.69 6.84 -11.39
C GLY A 450 17.81 8.13 -10.62
N GLY A 451 18.17 9.22 -11.30
CA GLY A 451 18.31 10.53 -10.64
C GLY A 451 19.51 10.59 -9.69
N ILE A 452 20.44 9.63 -9.81
CA ILE A 452 21.69 9.56 -9.02
C ILE A 452 22.80 9.20 -10.00
N HIS A 453 23.92 9.88 -9.86
CA HIS A 453 25.17 9.50 -10.56
C HIS A 453 26.18 9.13 -9.49
N VAL A 454 26.70 7.92 -9.55
CA VAL A 454 27.67 7.44 -8.55
C VAL A 454 28.96 7.02 -9.27
N VAL A 455 30.08 7.29 -8.63
CA VAL A 455 31.39 6.81 -9.08
C VAL A 455 32.00 6.02 -7.91
N TYR A 456 32.42 4.78 -8.18
CA TYR A 456 33.13 3.95 -7.19
C TYR A 456 34.62 3.92 -7.56
N ASP A 457 35.44 3.73 -6.54
CA ASP A 457 36.86 3.34 -6.72
C ASP A 457 37.08 2.05 -5.88
N LEU A 458 37.00 0.91 -6.55
CA LEU A 458 37.04 -0.42 -5.90
C LEU A 458 38.42 -0.71 -5.35
N SER A 459 39.45 0.10 -5.65
CA SER A 459 40.78 -0.05 -5.00
C SER A 459 40.75 0.46 -3.56
N ARG A 460 39.77 1.26 -3.18
CA ARG A 460 39.65 1.74 -1.79
C ARG A 460 39.10 0.65 -0.87
N LYS A 461 39.24 0.86 0.46
CA LYS A 461 38.71 -0.04 1.52
C LYS A 461 37.19 -0.10 1.41
N PRO A 462 36.56 -1.29 1.60
CA PRO A 462 35.11 -1.34 1.83
C PRO A 462 34.71 -0.25 2.82
N GLY A 463 33.62 0.44 2.54
CA GLY A 463 33.07 1.56 3.30
C GLY A 463 33.63 2.89 2.88
N ASP A 464 34.61 2.90 1.98
CA ASP A 464 35.22 4.16 1.52
C ASP A 464 35.41 4.13 0.00
N ARG A 465 34.54 3.40 -0.71
CA ARG A 465 34.63 3.18 -2.16
C ARG A 465 33.84 4.23 -2.95
N VAL A 466 32.93 4.95 -2.33
CA VAL A 466 32.12 5.96 -3.08
C VAL A 466 32.95 7.23 -3.18
N VAL A 467 33.35 7.57 -4.39
CA VAL A 467 34.18 8.78 -4.55
C VAL A 467 33.40 9.95 -5.14
N LYS A 468 32.25 9.74 -5.74
CA LYS A 468 31.38 10.86 -6.15
C LYS A 468 29.95 10.35 -6.07
N LEU A 469 29.08 11.22 -5.61
CA LEU A 469 27.66 10.86 -5.49
C LEU A 469 26.86 12.10 -5.69
N ASP A 470 26.24 12.22 -6.87
CA ASP A 470 25.49 13.44 -7.21
C ASP A 470 24.04 13.05 -7.40
N VAL A 471 23.13 13.93 -7.07
CA VAL A 471 21.69 13.62 -7.05
C VAL A 471 20.92 14.73 -7.79
N LEU A 472 19.82 14.32 -8.40
CA LEU A 472 18.97 15.26 -9.18
C LEU A 472 18.16 16.09 -8.21
N CYS A 473 18.20 17.40 -8.38
CA CYS A 473 17.41 18.30 -7.48
C CYS A 473 15.92 18.07 -7.64
N THR A 474 15.14 18.42 -6.60
CA THR A 474 13.67 18.51 -6.65
C THR A 474 13.25 19.98 -6.54
N SER A 475 13.85 20.75 -5.66
CA SER A 475 13.46 22.13 -5.37
C SER A 475 14.18 23.03 -6.36
N CYS A 476 13.75 22.93 -7.59
CA CYS A 476 14.41 23.53 -8.76
C CYS A 476 13.46 23.44 -9.92
N ARG A 477 13.50 24.47 -10.80
CA ARG A 477 12.62 24.51 -11.97
C ARG A 477 13.29 23.78 -13.12
N VAL A 478 14.59 23.71 -13.11
CA VAL A 478 15.35 22.93 -14.13
C VAL A 478 16.06 21.82 -13.39
N PRO A 479 15.68 20.55 -13.60
CA PRO A 479 16.36 19.48 -12.88
C PRO A 479 17.83 19.42 -13.29
N SER A 480 18.71 19.33 -12.32
CA SER A 480 20.15 19.20 -12.54
C SER A 480 20.76 18.50 -11.34
N TYR A 481 21.99 18.04 -11.51
CA TYR A 481 22.69 17.23 -10.48
C TYR A 481 23.57 18.08 -9.59
N ASP A 482 23.53 17.80 -8.29
CA ASP A 482 24.41 18.47 -7.31
C ASP A 482 24.97 17.39 -6.39
N PRO A 483 26.08 17.67 -5.73
CA PRO A 483 26.59 16.71 -4.76
C PRO A 483 25.58 16.39 -3.67
N LEU A 484 25.57 15.13 -3.30
CA LEU A 484 24.75 14.69 -2.16
CA LEU A 484 24.80 14.63 -2.14
C LEU A 484 25.27 15.37 -0.89
N LYS A 485 24.33 15.78 -0.04
CA LYS A 485 24.63 16.50 1.23
C LYS A 485 24.30 15.50 2.34
N MET A 486 25.22 15.35 3.29
CA MET A 486 25.06 14.30 4.32
C MET A 486 23.86 14.58 5.24
N ASP A 487 23.55 15.83 5.53
CA ASP A 487 22.49 16.17 6.52
C ASP A 487 21.14 16.33 5.85
N GLU A 488 21.09 16.42 4.51
CA GLU A 488 19.81 16.71 3.82
C GLU A 488 18.99 15.41 3.74
N VAL A 489 17.71 15.52 3.85
CA VAL A 489 16.77 14.38 3.78
C VAL A 489 16.27 14.33 2.33
N TYR A 490 16.47 13.20 1.67
CA TYR A 490 16.05 12.95 0.27
C TYR A 490 14.87 12.03 0.23
N LYS A 491 13.92 12.34 -0.66
CA LYS A 491 12.92 11.31 -1.03
C LYS A 491 13.54 10.34 -2.02
N VAL A 492 13.28 9.06 -1.83
CA VAL A 492 13.82 8.00 -2.72
C VAL A 492 12.72 7.00 -2.96
N ILE A 493 12.59 6.57 -4.21
CA ILE A 493 11.72 5.41 -4.58
CA ILE A 493 11.72 5.41 -4.56
C ILE A 493 12.59 4.16 -4.57
N LEU A 494 12.16 3.10 -3.90
CA LEU A 494 12.96 1.87 -3.81
C LEU A 494 12.05 0.70 -3.51
N PRO A 495 12.49 -0.53 -3.75
CA PRO A 495 11.63 -1.70 -3.47
C PRO A 495 11.33 -1.80 -1.96
N ASN A 496 10.12 -2.29 -1.64
N ASN A 496 10.09 -2.19 -1.65
CA ASN A 496 9.73 -2.55 -0.22
CA ASN A 496 9.73 -2.54 -0.25
C ASN A 496 10.77 -3.49 0.34
C ASN A 496 10.82 -3.43 0.32
N PHE A 497 11.33 -4.39 -0.48
CA PHE A 497 12.34 -5.33 -0.02
C PHE A 497 13.51 -4.60 0.62
N LEU A 498 13.94 -3.50 0.01
CA LEU A 498 15.04 -2.68 0.57
C LEU A 498 14.55 -1.80 1.71
N ALA A 499 13.38 -1.22 1.63
CA ALA A 499 12.86 -0.35 2.71
C ALA A 499 12.83 -1.15 4.02
N ASN A 500 12.59 -2.45 3.92
CA ASN A 500 12.45 -3.35 5.09
C ASN A 500 13.82 -3.90 5.47
N GLY A 501 14.94 -3.42 4.89
CA GLY A 501 16.30 -3.88 5.27
C GLY A 501 16.77 -5.13 4.59
N GLY A 502 16.12 -5.56 3.49
CA GLY A 502 16.59 -6.70 2.68
C GLY A 502 17.98 -6.49 2.13
N ASP A 503 18.64 -7.57 1.76
CA ASP A 503 19.98 -7.51 1.14
C ASP A 503 20.98 -6.78 2.03
N GLY A 504 20.77 -6.85 3.34
CA GLY A 504 21.72 -6.26 4.29
C GLY A 504 21.65 -4.75 4.46
N PHE A 505 20.67 -4.09 3.85
CA PHE A 505 20.51 -2.62 3.94
C PHE A 505 19.83 -2.28 5.26
N GLN A 506 20.47 -2.69 6.36
CA GLN A 506 19.90 -2.42 7.72
C GLN A 506 19.86 -0.93 7.98
N MET A 507 20.79 -0.17 7.41
CA MET A 507 20.84 1.27 7.59
C MET A 507 19.56 1.91 7.02
N ILE A 508 19.06 1.43 5.90
CA ILE A 508 17.79 1.99 5.37
C ILE A 508 16.65 1.80 6.36
N LYS A 509 16.47 0.57 6.82
CA LYS A 509 15.35 0.25 7.75
C LYS A 509 15.52 1.09 9.04
N ASP A 510 16.73 1.14 9.55
CA ASP A 510 16.97 1.69 10.89
C ASP A 510 17.01 3.21 10.87
N GLU A 511 17.33 3.86 9.75
CA GLU A 511 17.56 5.32 9.73
C GLU A 511 16.51 6.06 8.91
N LEU A 512 15.67 5.36 8.18
CA LEU A 512 14.68 6.10 7.35
C LEU A 512 13.74 6.96 8.21
N LEU A 513 13.30 8.08 7.66
CA LEU A 513 12.46 9.05 8.42
CA LEU A 513 12.44 9.04 8.41
C LEU A 513 10.98 8.89 8.04
N ARG A 514 10.65 8.27 6.90
CA ARG A 514 9.27 8.14 6.42
C ARG A 514 9.31 6.93 5.50
N HIS A 515 8.21 6.19 5.46
CA HIS A 515 8.03 5.05 4.54
C HIS A 515 6.57 4.90 4.21
N ASP A 516 6.23 4.93 2.93
CA ASP A 516 4.85 4.72 2.48
C ASP A 516 4.92 3.66 1.39
N SER A 517 4.02 2.70 1.45
CA SER A 517 4.08 1.64 0.43
CA SER A 517 3.97 1.60 0.44
C SER A 517 3.47 2.14 -0.88
N GLY A 518 4.12 1.76 -1.97
CA GLY A 518 3.72 2.23 -3.30
C GLY A 518 3.08 1.15 -4.16
N ASP A 519 3.14 1.38 -5.46
CA ASP A 519 2.44 0.54 -6.44
C ASP A 519 3.17 -0.79 -6.68
N GLN A 520 2.39 -1.75 -7.20
CA GLN A 520 2.96 -3.08 -7.51
C GLN A 520 4.11 -2.92 -8.51
N ASP A 521 5.22 -3.60 -8.26
CA ASP A 521 6.43 -3.50 -9.12
C ASP A 521 6.08 -3.74 -10.59
N ILE A 522 5.53 -4.87 -10.95
CA ILE A 522 5.18 -5.15 -12.36
C ILE A 522 4.34 -4.02 -12.95
N ASN A 523 3.31 -3.60 -12.23
CA ASN A 523 2.34 -2.59 -12.75
C ASN A 523 3.02 -1.25 -13.02
N VAL A 524 3.99 -0.91 -12.21
CA VAL A 524 4.74 0.36 -12.43
C VAL A 524 5.44 0.27 -13.79
N VAL A 525 6.08 -0.87 -14.06
CA VAL A 525 6.86 -0.98 -15.33
C VAL A 525 5.91 -1.11 -16.50
N SER A 526 4.82 -1.89 -16.34
CA SER A 526 3.86 -2.10 -17.45
CA SER A 526 3.82 -2.09 -17.42
C SER A 526 3.24 -0.74 -17.83
N THR A 527 2.83 0.07 -16.86
CA THR A 527 2.18 1.37 -17.18
C THR A 527 3.17 2.24 -17.96
N TYR A 528 4.43 2.29 -17.53
CA TYR A 528 5.44 3.16 -18.17
C TYR A 528 5.66 2.69 -19.61
N ILE A 529 5.81 1.37 -19.83
CA ILE A 529 6.03 0.86 -21.20
C ILE A 529 4.78 1.20 -22.03
N SER A 530 3.60 1.03 -21.49
CA SER A 530 2.35 1.33 -22.26
C SER A 530 2.34 2.79 -22.66
N LYS A 531 2.72 3.68 -21.75
CA LYS A 531 2.74 5.15 -21.97
CA LYS A 531 2.74 5.15 -21.97
C LYS A 531 3.75 5.45 -23.08
N MET A 532 4.96 4.86 -23.01
CA MET A 532 6.10 5.20 -23.89
C MET A 532 5.89 4.56 -25.27
N LYS A 533 5.22 3.44 -25.38
CA LYS A 533 4.90 2.73 -26.65
C LYS A 533 6.11 2.01 -27.22
N VAL A 534 7.23 2.71 -27.39
CA VAL A 534 8.47 2.19 -27.93
C VAL A 534 9.59 2.66 -27.00
N ILE A 535 10.34 1.71 -26.45
CA ILE A 535 11.41 2.08 -25.48
C ILE A 535 12.76 1.67 -26.03
N TYR A 536 13.80 2.38 -25.57
CA TYR A 536 15.18 2.17 -26.03
C TYR A 536 16.14 2.61 -24.94
N PRO A 537 16.02 2.08 -23.71
CA PRO A 537 16.91 2.45 -22.66
C PRO A 537 18.39 2.14 -22.95
N ALA A 538 19.24 3.10 -22.67
CA ALA A 538 20.70 3.05 -22.82
C ALA A 538 21.41 2.84 -21.48
N VAL A 539 22.64 2.39 -21.53
CA VAL A 539 23.57 2.52 -20.38
C VAL A 539 24.29 3.83 -20.62
N GLU A 540 24.21 4.76 -19.67
CA GLU A 540 24.59 6.14 -20.00
C GLU A 540 25.50 6.79 -18.98
N GLY A 541 26.10 6.06 -18.04
CA GLY A 541 27.04 6.62 -17.06
C GLY A 541 26.42 7.04 -15.76
N ARG A 542 25.29 6.48 -15.41
CA ARG A 542 24.74 6.71 -14.06
C ARG A 542 25.67 6.08 -13.02
N ILE A 543 26.31 4.97 -13.35
CA ILE A 543 27.25 4.27 -12.44
C ILE A 543 28.59 4.15 -13.16
N LYS A 544 29.65 4.70 -12.58
CA LYS A 544 31.00 4.53 -13.18
C LYS A 544 31.95 4.02 -12.12
N PHE A 545 33.02 3.41 -12.61
CA PHE A 545 34.14 2.94 -11.80
C PHE A 545 35.40 3.70 -12.19
N SER A 546 36.16 4.13 -11.23
CA SER A 546 37.43 4.82 -11.54
C SER A 546 38.59 3.82 -11.45
#